data_2JDH
#
_entry.id   2JDH
#
_cell.length_a   52.552
_cell.length_b   72.829
_cell.length_c   54.359
_cell.angle_alpha   90.00
_cell.angle_beta   94.29
_cell.angle_gamma   90.00
#
_symmetry.space_group_name_H-M   'P 1 21 1'
#
loop_
_entity.id
_entity.type
_entity.pdbx_description
1 polymer 'FUCOSE-BINDING LECTIN PA-IIL'
2 branched alpha-L-fucopyranose-(1-4)-2-acetamido-2-deoxy-beta-D-glucopyranose
3 non-polymer alpha-L-fucopyranose
4 non-polymer 'CALCIUM ION'
5 non-polymer 2H-1,2,3-TRIAZOL-4-YLMETHANOL
6 non-polymer 'SULFATE ION'
7 water water
#
_entity_poly.entity_id   1
_entity_poly.type   'polypeptide(L)'
_entity_poly.pdbx_seq_one_letter_code
;MATQGVFTLPANTRFGVTAFANSSGTQTVNVLVNNETAATFSGQSTNNAVIGTQVLNSGSSGKVQVQVSVNGRPSDLVSA
QVILTNELNFALVGSEDGTDNDYNDAVVVINWPLG
;
_entity_poly.pdbx_strand_id   A,B,C,D
#
# COMPACT_ATOMS: atom_id res chain seq x y z
N ALA A 2 -12.91 1.80 -12.08
CA ALA A 2 -12.70 3.04 -11.23
C ALA A 2 -11.63 3.88 -11.88
N THR A 3 -11.70 5.18 -11.64
CA THR A 3 -10.66 6.10 -12.07
C THR A 3 -9.33 5.68 -11.45
N GLN A 4 -8.26 5.80 -12.24
CA GLN A 4 -6.91 5.50 -11.75
C GLN A 4 -5.97 6.61 -12.20
N GLY A 5 -4.87 6.76 -11.49
CA GLY A 5 -3.85 7.78 -11.82
C GLY A 5 -4.22 9.18 -11.37
N VAL A 6 -5.24 9.31 -10.52
CA VAL A 6 -5.62 10.65 -9.99
C VAL A 6 -5.37 10.64 -8.50
N PHE A 7 -4.71 11.70 -8.04
CA PHE A 7 -4.34 11.78 -6.64
C PHE A 7 -4.60 13.20 -6.11
N THR A 8 -5.11 13.30 -4.88
CA THR A 8 -5.21 14.62 -4.25
C THR A 8 -4.06 14.80 -3.29
N LEU A 9 -3.15 15.67 -3.58
CA LEU A 9 -2.04 15.99 -2.72
C LEU A 9 -2.46 17.15 -1.84
N PRO A 10 -1.75 17.37 -0.73
CA PRO A 10 -1.95 18.60 0.02
C PRO A 10 -1.69 19.76 -0.90
N ALA A 11 -2.45 20.84 -0.72
CA ALA A 11 -2.33 21.97 -1.60
C ALA A 11 -0.96 22.64 -1.55
N ASN A 12 -0.50 23.21 -2.64
CA ASN A 12 0.66 24.09 -2.69
C ASN A 12 1.91 23.36 -2.18
N THR A 13 2.01 22.06 -2.53
CA THR A 13 3.12 21.24 -2.00
C THR A 13 3.95 20.70 -3.16
N ARG A 14 5.25 20.84 -3.02
CA ARG A 14 6.16 20.26 -4.06
C ARG A 14 6.20 18.77 -3.96
N PHE A 15 6.23 18.16 -5.15
CA PHE A 15 6.31 16.69 -5.23
C PHE A 15 7.24 16.31 -6.35
N GLY A 16 7.82 15.13 -6.21
CA GLY A 16 8.61 14.58 -7.31
C GLY A 16 7.74 13.65 -8.18
N VAL A 17 8.04 13.63 -9.48
CA VAL A 17 7.41 12.68 -10.38
C VAL A 17 8.49 12.09 -11.27
N THR A 18 8.52 10.78 -11.38
CA THR A 18 9.57 10.07 -12.11
C THR A 18 8.91 8.95 -12.89
N ALA A 19 9.31 8.80 -14.15
CA ALA A 19 8.73 7.76 -15.00
C ALA A 19 9.79 6.83 -15.55
N PHE A 20 9.44 5.56 -15.63
CA PHE A 20 10.31 4.48 -16.11
C PHE A 20 9.60 3.79 -17.28
N ALA A 21 10.35 3.28 -18.24
CA ALA A 21 9.74 2.58 -19.39
C ALA A 21 10.20 1.13 -19.47
N ASN A 22 9.23 0.25 -19.82
CA ASN A 22 9.51 -1.18 -19.99
C ASN A 22 8.64 -1.73 -21.10
N SER A 23 8.96 -1.36 -22.36
CA SER A 23 8.08 -1.76 -23.46
C SER A 23 8.83 -1.49 -24.77
N SER A 24 8.42 -2.23 -25.82
CA SER A 24 8.89 -1.87 -27.16
C SER A 24 8.45 -0.51 -27.60
N GLY A 25 7.32 -0.02 -27.09
CA GLY A 25 6.76 1.21 -27.60
C GLY A 25 7.20 2.44 -26.85
N THR A 26 7.23 3.55 -27.55
CA THR A 26 7.58 4.82 -26.94
C THR A 26 6.44 5.30 -26.05
N GLN A 27 6.77 5.58 -24.79
CA GLN A 27 5.77 6.04 -23.81
C GLN A 27 5.76 7.54 -23.77
N THR A 28 4.57 8.13 -23.77
CA THR A 28 4.44 9.56 -23.42
C THR A 28 3.63 9.64 -22.12
N VAL A 29 4.23 10.28 -21.12
CA VAL A 29 3.59 10.42 -19.81
C VAL A 29 3.28 11.88 -19.63
N ASN A 30 2.01 12.20 -19.43
CA ASN A 30 1.61 13.58 -19.11
C ASN A 30 1.20 13.66 -17.68
N VAL A 31 1.74 14.68 -17.00
N VAL A 31 1.70 14.68 -17.00
CA VAL A 31 1.41 14.94 -15.61
CA VAL A 31 1.38 14.90 -15.59
C VAL A 31 0.56 16.20 -15.59
C VAL A 31 0.60 16.21 -15.49
N LEU A 32 -0.67 16.09 -15.09
CA LEU A 32 -1.55 17.24 -15.03
C LEU A 32 -1.64 17.74 -13.61
N VAL A 33 -1.65 19.07 -13.45
CA VAL A 33 -1.93 19.70 -12.14
C VAL A 33 -3.11 20.62 -12.41
N ASN A 34 -4.17 20.48 -11.61
CA ASN A 34 -5.40 21.26 -11.82
C ASN A 34 -5.92 21.12 -13.26
N ASN A 35 -5.86 19.91 -13.77
CA ASN A 35 -6.44 19.62 -15.08
C ASN A 35 -5.77 20.36 -16.23
N GLU A 36 -4.51 20.69 -16.08
N GLU A 36 -4.52 20.77 -16.03
CA GLU A 36 -3.72 21.19 -17.22
CA GLU A 36 -3.67 21.35 -17.11
C GLU A 36 -2.36 20.52 -17.14
C GLU A 36 -2.38 20.50 -17.14
N THR A 37 -1.85 20.24 -18.33
CA THR A 37 -0.56 19.52 -18.42
C THR A 37 0.53 20.37 -17.79
N ALA A 38 1.26 19.82 -16.84
CA ALA A 38 2.32 20.50 -16.12
C ALA A 38 3.70 19.98 -16.51
N ALA A 39 3.76 18.71 -16.96
CA ALA A 39 5.06 18.13 -17.37
C ALA A 39 4.69 17.01 -18.37
N THR A 40 5.62 16.76 -19.30
CA THR A 40 5.47 15.64 -20.23
C THR A 40 6.83 15.01 -20.35
N PHE A 41 6.85 13.69 -20.18
CA PHE A 41 8.05 12.87 -20.36
C PHE A 41 7.82 11.90 -21.54
N SER A 42 8.89 11.55 -22.26
CA SER A 42 8.73 10.51 -23.28
C SER A 42 10.01 9.77 -23.44
N GLY A 43 9.90 8.51 -23.84
CA GLY A 43 11.08 7.72 -24.13
C GLY A 43 10.71 6.28 -24.40
N GLN A 44 11.72 5.49 -24.74
CA GLN A 44 11.53 4.07 -25.00
C GLN A 44 12.64 3.28 -24.34
N SER A 45 12.26 2.23 -23.62
CA SER A 45 13.23 1.32 -23.00
C SER A 45 12.54 0.04 -22.69
N THR A 46 13.29 -1.09 -22.78
CA THR A 46 12.84 -2.34 -22.22
C THR A 46 13.66 -2.68 -20.98
N ASN A 47 14.38 -1.71 -20.41
CA ASN A 47 15.26 -1.94 -19.27
C ASN A 47 15.07 -0.92 -18.17
N ASN A 48 13.81 -0.49 -18.01
CA ASN A 48 13.47 0.39 -16.87
C ASN A 48 14.18 1.73 -16.86
N ALA A 49 14.57 2.24 -18.03
CA ALA A 49 15.23 3.55 -18.03
C ALA A 49 14.29 4.61 -17.48
N VAL A 50 14.89 5.57 -16.78
CA VAL A 50 14.14 6.77 -16.35
C VAL A 50 13.95 7.64 -17.58
N ILE A 51 12.71 7.80 -18.02
CA ILE A 51 12.41 8.63 -19.19
C ILE A 51 12.06 10.05 -18.77
N GLY A 52 11.94 10.35 -17.50
CA GLY A 52 11.79 11.73 -17.06
C GLY A 52 11.72 11.76 -15.56
N THR A 53 12.12 12.90 -14.98
CA THR A 53 11.95 13.15 -13.57
C THR A 53 11.89 14.66 -13.39
N GLN A 54 11.02 15.12 -12.48
CA GLN A 54 10.84 16.57 -12.33
C GLN A 54 10.22 16.82 -10.99
N VAL A 55 10.42 18.05 -10.48
CA VAL A 55 9.71 18.50 -9.29
C VAL A 55 8.63 19.52 -9.72
N LEU A 56 7.43 19.32 -9.22
CA LEU A 56 6.30 20.17 -9.52
C LEU A 56 5.62 20.63 -8.24
N ASN A 57 4.78 21.66 -8.35
CA ASN A 57 3.92 22.10 -7.25
C ASN A 57 2.49 21.61 -7.45
N SER A 58 1.87 21.07 -6.40
CA SER A 58 0.49 20.56 -6.51
C SER A 58 -0.58 21.64 -6.72
N GLY A 59 -0.20 22.89 -6.48
CA GLY A 59 -1.11 24.01 -6.70
C GLY A 59 -2.24 24.06 -5.71
N SER A 60 -3.15 25.02 -5.98
CA SER A 60 -4.19 25.33 -5.02
C SER A 60 -5.14 24.20 -4.77
N SER A 61 -5.44 23.36 -5.75
CA SER A 61 -6.38 22.31 -5.56
C SER A 61 -5.77 20.98 -5.14
N GLY A 62 -4.45 20.88 -5.28
CA GLY A 62 -3.75 19.61 -5.03
C GLY A 62 -4.05 18.49 -6.01
N LYS A 63 -4.81 18.72 -7.05
CA LYS A 63 -5.19 17.57 -7.92
C LYS A 63 -4.11 17.30 -8.94
N VAL A 64 -3.59 16.07 -8.87
CA VAL A 64 -2.52 15.65 -9.78
C VAL A 64 -3.01 14.41 -10.52
N GLN A 65 -2.82 14.38 -11.83
CA GLN A 65 -3.24 13.21 -12.61
C GLN A 65 -2.13 12.78 -13.56
N VAL A 66 -1.95 11.48 -13.67
CA VAL A 66 -0.98 10.90 -14.60
C VAL A 66 -1.75 10.26 -15.74
N GLN A 67 -1.36 10.54 -16.99
CA GLN A 67 -1.92 9.90 -18.17
C GLN A 67 -0.73 9.34 -18.97
N VAL A 68 -0.94 8.16 -19.58
CA VAL A 68 0.13 7.56 -20.41
C VAL A 68 -0.45 7.18 -21.76
N SER A 69 0.24 7.64 -22.82
N SER A 69 0.26 7.50 -22.83
CA SER A 69 -0.13 7.30 -24.21
CA SER A 69 -0.20 7.07 -24.16
C SER A 69 1.00 6.50 -24.90
C SER A 69 0.97 6.50 -24.89
N VAL A 70 0.62 5.49 -25.71
CA VAL A 70 1.61 4.76 -26.48
C VAL A 70 0.96 4.46 -27.84
N ASN A 71 1.72 4.73 -28.91
CA ASN A 71 1.22 4.35 -30.26
C ASN A 71 -0.14 5.04 -30.51
N GLY A 72 -0.36 6.23 -29.96
CA GLY A 72 -1.54 6.98 -30.23
C GLY A 72 -2.73 6.67 -29.38
N ARG A 73 -2.63 5.74 -28.42
CA ARG A 73 -3.79 5.40 -27.60
C ARG A 73 -3.41 5.44 -26.12
N PRO A 74 -4.33 5.88 -25.27
CA PRO A 74 -4.08 5.83 -23.81
C PRO A 74 -3.92 4.42 -23.34
N SER A 75 -2.92 4.22 -22.48
CA SER A 75 -2.72 2.93 -21.81
C SER A 75 -3.72 2.75 -20.66
N ASP A 76 -3.98 1.52 -20.32
CA ASP A 76 -4.84 1.23 -19.15
C ASP A 76 -3.99 1.43 -17.90
N LEU A 77 -4.53 2.14 -16.93
CA LEU A 77 -3.73 2.47 -15.72
C LEU A 77 -4.19 1.69 -14.51
N VAL A 78 -3.22 1.51 -13.59
N VAL A 78 -3.19 1.43 -13.63
CA VAL A 78 -3.53 1.02 -12.25
CA VAL A 78 -3.48 0.99 -12.25
C VAL A 78 -2.70 1.85 -11.28
C VAL A 78 -2.75 1.95 -11.33
N SER A 79 -3.28 2.13 -10.10
CA SER A 79 -2.63 3.09 -9.19
C SER A 79 -3.05 2.86 -7.75
N ALA A 80 -2.26 3.41 -6.86
CA ALA A 80 -2.62 3.47 -5.44
C ALA A 80 -1.70 4.47 -4.75
N GLN A 81 -2.12 4.93 -3.56
CA GLN A 81 -1.24 5.77 -2.73
C GLN A 81 -0.94 5.02 -1.45
N VAL A 82 0.29 5.11 -0.99
N VAL A 82 0.32 5.09 -1.02
N VAL A 82 0.31 5.05 -1.04
CA VAL A 82 0.67 4.44 0.26
CA VAL A 82 0.83 4.40 0.20
CA VAL A 82 0.70 4.45 0.25
C VAL A 82 1.51 5.43 1.08
C VAL A 82 1.52 5.47 1.08
C VAL A 82 1.39 5.56 1.08
N ILE A 83 1.19 5.46 2.38
CA ILE A 83 1.81 6.42 3.32
C ILE A 83 2.51 5.60 4.39
N LEU A 84 3.80 5.91 4.59
CA LEU A 84 4.64 5.23 5.59
C LEU A 84 4.91 6.16 6.77
N THR A 85 4.83 5.58 7.98
CA THR A 85 5.00 6.30 9.27
C THR A 85 4.24 7.59 9.32
N ASN A 86 3.07 7.64 8.66
CA ASN A 86 2.22 8.82 8.67
C ASN A 86 2.89 10.07 8.11
N GLU A 87 3.95 9.90 7.34
CA GLU A 87 4.78 11.04 6.91
C GLU A 87 5.10 11.00 5.42
N LEU A 88 5.49 9.82 4.93
CA LEU A 88 6.10 9.72 3.60
C LEU A 88 5.06 9.15 2.64
N ASN A 89 4.79 9.88 1.55
CA ASN A 89 3.74 9.51 0.61
C ASN A 89 4.31 9.09 -0.71
N PHE A 90 3.74 8.00 -1.24
CA PHE A 90 4.00 7.52 -2.61
C PHE A 90 2.68 7.43 -3.33
N ALA A 91 2.61 7.99 -4.53
CA ALA A 91 1.47 7.79 -5.42
C ALA A 91 2.04 7.00 -6.60
N LEU A 92 1.52 5.81 -6.85
CA LEU A 92 2.15 4.86 -7.75
C LEU A 92 1.24 4.56 -8.90
N VAL A 93 1.82 4.53 -10.14
CA VAL A 93 1.03 4.21 -11.32
C VAL A 93 1.76 3.18 -12.16
N GLY A 94 1.01 2.18 -12.59
CA GLY A 94 1.46 1.28 -13.66
C GLY A 94 0.54 1.44 -14.83
N SER A 95 1.02 0.96 -16.00
CA SER A 95 0.21 1.12 -17.22
C SER A 95 0.51 -0.01 -18.19
N GLU A 96 -0.52 -0.33 -18.99
CA GLU A 96 -0.44 -1.43 -19.95
C GLU A 96 -0.78 -0.90 -21.32
N ASP A 97 0.17 -1.07 -22.25
CA ASP A 97 0.02 -0.58 -23.63
C ASP A 97 -0.34 -1.68 -24.61
N GLY A 98 -0.42 -2.93 -24.15
CA GLY A 98 -0.51 -4.11 -25.02
C GLY A 98 -1.41 -5.17 -24.43
N THR A 99 -0.96 -6.41 -24.58
CA THR A 99 -1.82 -7.54 -24.28
C THR A 99 -1.24 -8.43 -23.17
N ASP A 100 0.01 -8.27 -22.74
CA ASP A 100 0.60 -9.16 -21.80
C ASP A 100 0.23 -8.88 -20.35
N ASN A 101 -0.34 -7.72 -20.09
CA ASN A 101 -0.79 -7.38 -18.71
C ASN A 101 0.33 -7.41 -17.69
N ASP A 102 1.54 -6.97 -18.07
CA ASP A 102 2.57 -6.78 -17.06
C ASP A 102 2.43 -5.43 -16.37
N TYR A 103 1.72 -4.47 -16.96
CA TYR A 103 1.44 -3.17 -16.33
C TYR A 103 2.67 -2.36 -15.96
N ASN A 104 3.82 -2.65 -16.60
CA ASN A 104 5.04 -1.92 -16.27
C ASN A 104 5.51 -1.06 -17.43
N ASP A 105 4.65 -0.90 -18.47
CA ASP A 105 5.15 -0.37 -19.75
C ASP A 105 5.61 1.08 -19.57
N ALA A 106 4.81 1.85 -18.80
CA ALA A 106 5.33 3.09 -18.13
C ALA A 106 4.97 2.91 -16.68
N VAL A 107 5.96 3.09 -15.79
CA VAL A 107 5.74 3.09 -14.35
C VAL A 107 6.02 4.52 -13.85
N VAL A 108 5.10 5.07 -13.08
CA VAL A 108 5.28 6.44 -12.60
C VAL A 108 5.23 6.46 -11.10
N VAL A 109 6.20 7.12 -10.48
CA VAL A 109 6.25 7.26 -9.02
C VAL A 109 6.21 8.75 -8.71
N ILE A 110 5.24 9.12 -7.88
CA ILE A 110 5.14 10.47 -7.31
C ILE A 110 5.45 10.35 -5.83
N ASN A 111 6.27 11.25 -5.33
CA ASN A 111 6.61 11.17 -3.89
C ASN A 111 6.58 12.58 -3.30
N TRP A 112 6.14 12.64 -2.03
CA TRP A 112 6.16 13.92 -1.27
C TRP A 112 6.10 13.54 0.19
N PRO A 113 6.47 14.48 1.07
CA PRO A 113 7.03 15.81 0.79
C PRO A 113 8.48 15.69 0.39
N LEU A 114 8.98 16.83 -0.10
CA LEU A 114 10.37 16.93 -0.52
C LEU A 114 11.11 17.79 0.52
N GLY A 115 12.43 17.91 0.30
CA GLY A 115 13.22 18.81 1.11
C GLY A 115 13.79 18.23 2.37
N ALA B 2 9.88 -3.27 14.01
CA ALA B 2 10.04 -4.47 13.12
C ALA B 2 11.14 -4.20 12.09
N THR B 3 11.72 -5.26 11.54
CA THR B 3 12.75 -5.06 10.47
C THR B 3 12.12 -4.32 9.30
N GLN B 4 12.93 -3.42 8.71
CA GLN B 4 12.45 -2.65 7.56
C GLN B 4 13.57 -2.68 6.50
N GLY B 5 13.19 -2.46 5.25
CA GLY B 5 14.15 -2.36 4.17
C GLY B 5 14.62 -3.70 3.64
N VAL B 6 13.96 -4.80 4.02
CA VAL B 6 14.30 -6.13 3.54
C VAL B 6 13.12 -6.70 2.77
N PHE B 7 13.40 -7.17 1.56
CA PHE B 7 12.34 -7.67 0.71
C PHE B 7 12.75 -9.01 0.08
N THR B 8 11.81 -9.91 -0.07
CA THR B 8 12.12 -11.16 -0.82
C THR B 8 11.46 -11.07 -2.19
N LEU B 9 12.29 -10.99 -3.23
CA LEU B 9 11.80 -10.96 -4.60
C LEU B 9 11.80 -12.39 -5.15
N PRO B 10 11.09 -12.61 -6.25
CA PRO B 10 11.22 -13.91 -6.96
C PRO B 10 12.71 -14.07 -7.34
N ALA B 11 13.22 -15.31 -7.33
CA ALA B 11 14.61 -15.52 -7.66
C ALA B 11 14.93 -15.22 -9.16
N ASN B 12 16.17 -14.86 -9.39
CA ASN B 12 16.72 -14.70 -10.75
C ASN B 12 15.87 -13.77 -11.59
N THR B 13 15.44 -12.65 -10.95
CA THR B 13 14.51 -11.72 -11.61
C THR B 13 15.14 -10.34 -11.62
N ARG B 14 15.10 -9.69 -12.80
CA ARG B 14 15.62 -8.30 -12.83
C ARG B 14 14.62 -7.38 -12.14
N PHE B 15 15.21 -6.39 -11.45
CA PHE B 15 14.40 -5.36 -10.80
C PHE B 15 15.12 -4.04 -10.91
N GLY B 16 14.32 -2.97 -10.84
CA GLY B 16 14.90 -1.62 -10.81
C GLY B 16 15.03 -1.14 -9.38
N VAL B 17 16.06 -0.38 -9.10
CA VAL B 17 16.21 0.30 -7.81
C VAL B 17 16.62 1.73 -8.06
N THR B 18 15.92 2.66 -7.42
CA THR B 18 16.08 4.11 -7.68
C THR B 18 16.07 4.83 -6.37
N ALA B 19 17.05 5.72 -6.18
CA ALA B 19 17.17 6.48 -4.92
C ALA B 19 17.04 7.98 -5.16
N PHE B 20 16.34 8.64 -4.26
CA PHE B 20 16.14 10.08 -4.26
C PHE B 20 16.66 10.65 -2.96
N ALA B 21 17.14 11.89 -2.98
CA ALA B 21 17.66 12.55 -1.75
C ALA B 21 16.88 13.84 -1.45
N ASN B 22 16.65 14.02 -0.14
CA ASN B 22 15.95 15.23 0.36
C ASN B 22 16.50 15.58 1.73
N SER B 23 17.71 16.11 1.82
CA SER B 23 18.34 16.38 3.11
C SER B 23 19.55 17.25 2.85
N SER B 24 19.98 17.99 3.90
CA SER B 24 21.24 18.70 3.80
C SER B 24 22.44 17.77 3.90
N GLY B 25 22.26 16.54 4.41
CA GLY B 25 23.34 15.58 4.50
C GLY B 25 23.50 14.72 3.26
N THR B 26 24.74 14.39 2.91
CA THR B 26 24.96 13.50 1.79
C THR B 26 24.49 12.11 2.16
N GLN B 27 23.61 11.57 1.30
CA GLN B 27 23.07 10.23 1.52
C GLN B 27 23.95 9.20 0.87
N THR B 28 24.12 8.05 1.52
CA THR B 28 24.75 6.87 0.93
C THR B 28 23.73 5.76 0.93
N VAL B 29 23.38 5.28 -0.22
CA VAL B 29 22.41 4.19 -0.32
C VAL B 29 23.13 2.95 -0.83
N ASN B 30 23.05 1.86 -0.05
CA ASN B 30 23.62 0.60 -0.46
C ASN B 30 22.49 -0.40 -0.67
N VAL B 31 22.54 -1.09 -1.79
CA VAL B 31 21.53 -2.10 -2.12
C VAL B 31 22.23 -3.43 -2.12
N LEU B 32 21.82 -4.34 -1.23
CA LEU B 32 22.44 -5.64 -1.06
C LEU B 32 21.58 -6.70 -1.70
N VAL B 33 22.19 -7.63 -2.43
CA VAL B 33 21.47 -8.79 -2.96
C VAL B 33 22.20 -10.01 -2.36
N ASN B 34 21.44 -10.89 -1.70
CA ASN B 34 22.07 -12.04 -1.00
C ASN B 34 23.17 -11.57 -0.04
N ASN B 35 22.89 -10.49 0.67
CA ASN B 35 23.78 -9.96 1.71
C ASN B 35 25.09 -9.40 1.16
N GLU B 36 25.20 -9.13 -0.15
CA GLU B 36 26.43 -8.49 -0.70
C GLU B 36 26.00 -7.25 -1.45
N THR B 37 26.78 -6.16 -1.30
CA THR B 37 26.42 -4.93 -2.01
C THR B 37 26.45 -5.11 -3.51
N ALA B 38 25.35 -4.74 -4.16
CA ALA B 38 25.19 -4.87 -5.59
C ALA B 38 25.09 -3.51 -6.28
N ALA B 39 24.67 -2.46 -5.55
CA ALA B 39 24.68 -1.09 -6.11
C ALA B 39 24.89 -0.15 -4.94
N THR B 40 25.45 1.00 -5.27
N THR B 40 25.61 0.96 -5.15
CA THR B 40 25.70 2.00 -4.30
CA THR B 40 25.71 2.07 -4.20
C THR B 40 25.54 3.38 -4.93
C THR B 40 25.49 3.37 -4.94
N PHE B 41 24.83 4.29 -4.28
CA PHE B 41 24.58 5.63 -4.79
C PHE B 41 24.89 6.60 -3.70
N SER B 42 25.49 7.74 -4.03
CA SER B 42 25.68 8.80 -3.02
C SER B 42 25.33 10.15 -3.56
N GLY B 43 24.87 11.06 -2.74
CA GLY B 43 24.67 12.42 -3.21
C GLY B 43 23.91 13.23 -2.23
N GLN B 44 23.94 14.54 -2.45
CA GLN B 44 23.21 15.44 -1.62
C GLN B 44 22.22 16.25 -2.46
N SER B 45 20.95 16.31 -2.02
CA SER B 45 19.93 17.12 -2.66
C SER B 45 18.90 17.46 -1.60
N THR B 46 18.34 18.66 -1.73
CA THR B 46 17.06 18.96 -1.05
C THR B 46 15.91 19.09 -2.01
N ASN B 47 16.09 18.65 -3.28
N ASN B 47 16.06 18.51 -3.19
CA ASN B 47 15.09 18.74 -4.40
CA ASN B 47 15.05 18.68 -4.16
C ASN B 47 14.79 17.40 -5.07
C ASN B 47 14.91 17.43 -5.00
N ASN B 48 14.96 16.29 -4.32
CA ASN B 48 14.53 14.99 -4.86
C ASN B 48 15.38 14.53 -6.05
N ALA B 49 16.66 14.89 -6.08
CA ALA B 49 17.54 14.36 -7.16
C ALA B 49 17.50 12.85 -7.14
N VAL B 50 17.56 12.27 -8.35
CA VAL B 50 17.75 10.81 -8.50
C VAL B 50 19.25 10.56 -8.35
N ILE B 51 19.67 10.25 -7.14
CA ILE B 51 21.09 10.04 -6.90
C ILE B 51 21.57 8.72 -7.45
N GLY B 52 20.68 7.84 -7.91
CA GLY B 52 21.07 6.71 -8.72
C GLY B 52 19.90 5.88 -9.09
N THR B 53 20.00 5.19 -10.24
CA THR B 53 19.03 4.17 -10.62
C THR B 53 19.81 3.06 -11.30
N GLN B 54 19.35 1.85 -11.20
N GLN B 54 19.46 1.83 -10.98
CA GLN B 54 20.07 0.75 -11.80
CA GLN B 54 20.15 0.64 -11.53
C GLN B 54 19.19 -0.47 -11.82
C GLN B 54 19.13 -0.47 -11.83
N VAL B 55 19.51 -1.37 -12.77
CA VAL B 55 18.84 -2.67 -12.91
C VAL B 55 19.71 -3.71 -12.34
N LEU B 56 19.17 -4.49 -11.42
CA LEU B 56 19.91 -5.57 -10.75
C LEU B 56 19.15 -6.85 -10.98
N ASN B 57 19.82 -8.00 -10.68
CA ASN B 57 19.17 -9.33 -10.70
C ASN B 57 19.08 -9.84 -9.24
N SER B 58 17.90 -10.30 -8.87
CA SER B 58 17.68 -10.77 -7.50
C SER B 58 18.47 -12.06 -7.17
N GLY B 59 19.00 -12.73 -8.19
CA GLY B 59 19.84 -13.92 -7.99
C GLY B 59 19.11 -15.06 -7.34
N SER B 60 19.91 -16.05 -6.89
CA SER B 60 19.31 -17.31 -6.45
C SER B 60 18.48 -17.19 -5.18
N SER B 61 18.80 -16.20 -4.34
CA SER B 61 18.13 -16.09 -3.04
C SER B 61 16.89 -15.19 -3.07
N GLY B 62 16.87 -14.23 -4.01
CA GLY B 62 15.79 -13.22 -4.01
C GLY B 62 15.89 -12.20 -2.87
N LYS B 63 16.90 -12.26 -2.02
CA LYS B 63 16.94 -11.39 -0.86
C LYS B 63 17.52 -10.04 -1.24
N VAL B 64 16.74 -8.96 -1.07
CA VAL B 64 17.21 -7.63 -1.37
C VAL B 64 17.07 -6.77 -0.13
N GLN B 65 18.11 -6.05 0.26
CA GLN B 65 18.08 -5.20 1.44
C GLN B 65 18.60 -3.82 1.08
N VAL B 66 17.93 -2.79 1.53
CA VAL B 66 18.40 -1.45 1.35
C VAL B 66 18.91 -0.91 2.69
N GLN B 67 20.09 -0.29 2.65
CA GLN B 67 20.69 0.38 3.82
C GLN B 67 20.98 1.82 3.46
N VAL B 68 20.76 2.75 4.36
CA VAL B 68 21.04 4.15 4.10
C VAL B 68 21.87 4.68 5.27
N SER B 69 22.88 5.48 4.95
CA SER B 69 23.70 6.12 5.97
C SER B 69 24.10 7.47 5.54
N VAL B 70 24.51 8.29 6.52
CA VAL B 70 25.05 9.59 6.21
C VAL B 70 26.41 9.66 6.90
N ASN B 71 27.49 9.72 6.11
CA ASN B 71 28.88 9.60 6.64
C ASN B 71 28.99 8.55 7.70
N GLY B 72 28.55 7.35 7.33
CA GLY B 72 28.67 6.15 8.13
C GLY B 72 27.63 5.98 9.23
N ARG B 73 26.79 6.99 9.50
CA ARG B 73 25.79 6.81 10.59
C ARG B 73 24.49 6.24 9.95
N PRO B 74 24.03 5.07 10.35
CA PRO B 74 22.84 4.52 9.72
C PRO B 74 21.60 5.37 9.94
N SER B 75 20.81 5.57 8.88
CA SER B 75 19.50 6.18 9.02
C SER B 75 18.45 5.17 9.47
N ASP B 76 17.40 5.65 10.12
CA ASP B 76 16.28 4.81 10.50
C ASP B 76 15.37 4.60 9.28
N LEU B 77 14.99 3.34 9.04
CA LEU B 77 14.23 3.02 7.81
C LEU B 77 12.76 2.74 8.09
N VAL B 78 11.93 3.04 7.08
N VAL B 78 11.93 2.97 7.08
CA VAL B 78 10.57 2.52 7.00
CA VAL B 78 10.55 2.55 7.08
C VAL B 78 10.39 1.87 5.65
C VAL B 78 10.27 1.99 5.68
N SER B 79 9.46 0.92 5.55
CA SER B 79 9.27 0.29 4.23
C SER B 79 7.95 -0.44 4.18
N ALA B 80 7.57 -0.75 2.94
CA ALA B 80 6.45 -1.65 2.68
C ALA B 80 6.50 -2.10 1.24
N GLN B 81 5.70 -3.10 0.88
CA GLN B 81 5.56 -3.50 -0.53
C GLN B 81 4.11 -3.43 -0.91
N VAL B 82 3.86 -2.99 -2.14
N VAL B 82 3.82 -2.92 -2.11
N VAL B 82 3.89 -2.99 -2.16
CA VAL B 82 2.49 -2.93 -2.66
CA VAL B 82 2.44 -2.90 -2.62
CA VAL B 82 2.57 -2.84 -2.76
C VAL B 82 2.45 -3.58 -4.04
C VAL B 82 2.42 -3.55 -4.01
C VAL B 82 2.52 -3.68 -4.06
N ILE B 83 1.36 -4.32 -4.28
CA ILE B 83 1.19 -5.05 -5.54
C ILE B 83 -0.12 -4.58 -6.17
N LEU B 84 -0.01 -4.15 -7.42
CA LEU B 84 -1.18 -3.65 -8.19
C LEU B 84 -1.54 -4.71 -9.25
N THR B 85 -2.85 -4.87 -9.41
CA THR B 85 -3.48 -5.83 -10.32
C THR B 85 -2.79 -7.21 -10.27
N ASN B 86 -2.35 -7.60 -9.05
CA ASN B 86 -1.79 -8.93 -8.80
C ASN B 86 -0.56 -9.22 -9.64
N GLU B 87 0.21 -8.22 -10.03
N GLU B 87 0.08 -8.16 -10.18
CA GLU B 87 1.34 -8.46 -10.89
CA GLU B 87 1.16 -8.24 -11.19
C GLU B 87 2.42 -7.41 -10.75
C GLU B 87 2.35 -7.34 -10.96
N LEU B 88 2.08 -6.11 -10.54
CA LEU B 88 3.09 -5.04 -10.57
C LEU B 88 3.53 -4.76 -9.15
N ASN B 89 4.82 -4.90 -8.89
CA ASN B 89 5.32 -4.81 -7.52
C ASN B 89 6.16 -3.57 -7.29
N PHE B 90 5.94 -2.94 -6.13
CA PHE B 90 6.77 -1.82 -5.64
C PHE B 90 7.24 -2.13 -4.24
N ALA B 91 8.53 -2.09 -4.00
CA ALA B 91 9.07 -2.17 -2.64
C ALA B 91 9.61 -0.77 -2.32
N LEU B 92 9.13 -0.22 -1.22
CA LEU B 92 9.29 1.20 -0.93
C LEU B 92 10.05 1.38 0.35
N VAL B 93 11.00 2.32 0.35
CA VAL B 93 11.81 2.63 1.54
C VAL B 93 11.87 4.12 1.75
N GLY B 94 11.63 4.55 2.99
CA GLY B 94 11.97 5.90 3.42
C GLY B 94 13.06 5.80 4.50
N SER B 95 13.68 6.94 4.77
CA SER B 95 14.76 6.94 5.77
C SER B 95 14.86 8.28 6.40
N GLU B 96 15.31 8.29 7.68
CA GLU B 96 15.40 9.52 8.47
C GLU B 96 16.81 9.60 9.05
N ASP B 97 17.47 10.74 8.75
CA ASP B 97 18.83 10.96 9.17
C ASP B 97 18.94 11.97 10.32
N GLY B 98 17.81 12.43 10.84
CA GLY B 98 17.81 13.47 11.87
C GLY B 98 16.62 13.31 12.80
N THR B 99 16.04 14.45 13.13
CA THR B 99 15.00 14.50 14.14
C THR B 99 13.65 14.91 13.63
N ASP B 100 13.52 15.43 12.39
CA ASP B 100 12.26 15.94 11.98
C ASP B 100 11.23 14.90 11.51
N ASN B 101 11.69 13.67 11.30
CA ASN B 101 10.80 12.57 10.92
C ASN B 101 9.97 12.84 9.67
N ASP B 102 10.59 13.51 8.69
CA ASP B 102 9.94 13.51 7.36
C ASP B 102 10.19 12.19 6.61
N TYR B 103 11.21 11.42 6.98
CA TYR B 103 11.48 10.10 6.39
C TYR B 103 11.68 10.14 4.89
N ASN B 104 12.12 11.29 4.36
CA ASN B 104 12.34 11.40 2.92
C ASN B 104 13.82 11.65 2.62
N ASP B 105 14.69 11.50 3.62
CA ASP B 105 16.04 12.01 3.46
C ASP B 105 16.79 11.22 2.35
N ALA B 106 16.59 9.90 2.35
CA ALA B 106 16.78 9.12 1.13
C ALA B 106 15.50 8.29 0.97
N VAL B 107 14.95 8.28 -0.24
CA VAL B 107 13.76 7.50 -0.59
C VAL B 107 14.22 6.50 -1.64
N VAL B 108 13.86 5.22 -1.46
CA VAL B 108 14.30 4.23 -2.42
C VAL B 108 13.07 3.46 -2.92
N VAL B 109 12.96 3.30 -4.25
CA VAL B 109 11.88 2.56 -4.85
C VAL B 109 12.48 1.41 -5.64
N ILE B 110 12.00 0.20 -5.37
CA ILE B 110 12.36 -1.02 -6.12
C ILE B 110 11.10 -1.44 -6.89
N ASN B 111 11.27 -1.73 -8.17
CA ASN B 111 10.11 -2.14 -8.97
C ASN B 111 10.42 -3.36 -9.82
N TRP B 112 9.42 -4.24 -9.92
CA TRP B 112 9.53 -5.42 -10.80
C TRP B 112 8.13 -5.87 -11.14
N PRO B 113 7.95 -6.65 -12.22
CA PRO B 113 8.98 -7.05 -13.19
C PRO B 113 9.31 -5.90 -14.13
N LEU B 114 10.42 -6.13 -14.85
CA LEU B 114 10.90 -5.21 -15.88
C LEU B 114 10.61 -5.82 -17.24
N GLY B 115 10.96 -5.06 -18.29
CA GLY B 115 10.87 -5.56 -19.66
C GLY B 115 9.57 -5.39 -20.35
N ALA C 2 -7.95 -2.74 -15.67
CA ALA C 2 -7.16 -3.92 -15.20
C ALA C 2 -8.07 -4.76 -14.34
N THR C 3 -7.79 -6.05 -14.33
CA THR C 3 -8.49 -6.92 -13.41
C THR C 3 -8.28 -6.45 -11.96
N GLN C 4 -9.34 -6.56 -11.16
CA GLN C 4 -9.30 -6.20 -9.75
C GLN C 4 -9.98 -7.29 -8.96
N GLY C 5 -9.57 -7.38 -7.70
CA GLY C 5 -10.18 -8.38 -6.79
C GLY C 5 -9.65 -9.81 -6.95
N VAL C 6 -8.55 -9.97 -7.67
CA VAL C 6 -7.94 -11.29 -7.82
C VAL C 6 -6.53 -11.26 -7.19
N PHE C 7 -6.25 -12.24 -6.33
CA PHE C 7 -4.99 -12.25 -5.58
C PHE C 7 -4.40 -13.66 -5.62
N THR C 8 -3.10 -13.75 -5.78
CA THR C 8 -2.42 -15.02 -5.62
C THR C 8 -1.85 -15.09 -4.21
N LEU C 9 -2.46 -15.95 -3.41
CA LEU C 9 -2.01 -16.16 -2.03
C LEU C 9 -0.98 -17.30 -2.01
N PRO C 10 -0.25 -17.42 -0.92
CA PRO C 10 0.56 -18.63 -0.70
C PRO C 10 -0.34 -19.84 -0.84
N ALA C 11 0.16 -20.90 -1.48
CA ALA C 11 -0.64 -22.09 -1.64
C ALA C 11 -0.93 -22.75 -0.29
N ASN C 12 -2.11 -23.37 -0.23
CA ASN C 12 -2.50 -24.27 0.87
C ASN C 12 -2.54 -23.58 2.23
N THR C 13 -2.74 -22.25 2.25
CA THR C 13 -2.57 -21.43 3.47
C THR C 13 -3.90 -20.83 3.90
N ARG C 14 -4.14 -20.86 5.20
CA ARG C 14 -5.38 -20.25 5.72
C ARG C 14 -5.24 -18.73 5.65
N PHE C 15 -6.40 -18.12 5.36
CA PHE C 15 -6.49 -16.66 5.36
C PHE C 15 -7.84 -16.27 5.93
N GLY C 16 -7.87 -15.05 6.44
CA GLY C 16 -9.17 -14.45 6.87
C GLY C 16 -9.74 -13.63 5.74
N VAL C 17 -11.05 -13.64 5.63
CA VAL C 17 -11.72 -12.72 4.70
C VAL C 17 -12.93 -12.12 5.46
N THR C 18 -13.04 -10.80 5.39
CA THR C 18 -13.99 -10.04 6.21
C THR C 18 -14.58 -8.96 5.32
N ALA C 19 -15.91 -8.80 5.41
CA ALA C 19 -16.58 -7.79 4.60
C ALA C 19 -17.36 -6.80 5.49
N PHE C 20 -17.32 -5.54 5.04
CA PHE C 20 -17.99 -4.42 5.71
C PHE C 20 -18.93 -3.77 4.72
N ALA C 21 -20.11 -3.32 5.19
CA ALA C 21 -21.09 -2.68 4.30
C ALA C 21 -21.28 -1.20 4.65
N ASN C 22 -21.40 -0.38 3.59
CA ASN C 22 -21.63 1.04 3.74
C ASN C 22 -22.46 1.55 2.56
N SER C 23 -23.76 1.20 2.54
CA SER C 23 -24.62 1.55 1.40
C SER C 23 -26.04 1.30 1.81
N SER C 24 -26.98 2.02 1.14
CA SER C 24 -28.41 1.66 1.30
C SER C 24 -28.73 0.37 0.60
N GLY C 25 -27.92 -0.06 -0.37
CA GLY C 25 -28.21 -1.31 -1.04
C GLY C 25 -27.67 -2.51 -0.29
N THR C 26 -28.38 -3.63 -0.36
CA THR C 26 -27.92 -4.86 0.26
C THR C 26 -26.78 -5.42 -0.56
N GLN C 27 -25.65 -5.65 0.11
CA GLN C 27 -24.46 -6.13 -0.58
C GLN C 27 -24.42 -7.65 -0.56
N THR C 28 -23.89 -8.24 -1.61
CA THR C 28 -23.57 -9.67 -1.62
C THR C 28 -22.11 -9.82 -2.05
N VAL C 29 -21.30 -10.44 -1.21
CA VAL C 29 -19.88 -10.63 -1.47
C VAL C 29 -19.63 -12.11 -1.67
N ASN C 30 -19.05 -12.48 -2.80
N ASN C 30 -19.07 -12.44 -2.83
CA ASN C 30 -18.70 -13.87 -3.02
CA ASN C 30 -18.71 -13.82 -3.18
C ASN C 30 -17.20 -13.99 -3.10
C ASN C 30 -17.18 -13.94 -3.07
N VAL C 31 -16.69 -14.98 -2.40
CA VAL C 31 -15.24 -15.27 -2.33
C VAL C 31 -15.01 -16.58 -3.05
N LEU C 32 -14.15 -16.57 -4.04
N LEU C 32 -14.25 -16.56 -4.14
CA LEU C 32 -13.89 -17.77 -4.81
CA LEU C 32 -13.94 -17.76 -4.94
C LEU C 32 -12.48 -18.21 -4.48
C LEU C 32 -12.52 -18.20 -4.67
N VAL C 33 -12.33 -19.52 -4.35
CA VAL C 33 -11.00 -20.08 -4.20
C VAL C 33 -10.87 -21.07 -5.35
N ASN C 34 -9.78 -20.91 -6.13
CA ASN C 34 -9.57 -21.73 -7.35
C ASN C 34 -10.85 -21.80 -8.16
N ASN C 35 -11.46 -20.63 -8.34
CA ASN C 35 -12.60 -20.42 -9.23
C ASN C 35 -13.87 -21.05 -8.74
N GLU C 36 -13.96 -21.50 -7.50
CA GLU C 36 -15.24 -22.01 -6.98
C GLU C 36 -15.64 -21.21 -5.73
N THR C 37 -16.93 -20.93 -5.59
CA THR C 37 -17.38 -20.15 -4.43
C THR C 37 -17.09 -20.89 -3.14
N ALA C 38 -16.41 -20.19 -2.23
CA ALA C 38 -16.02 -20.74 -0.96
C ALA C 38 -16.70 -20.04 0.20
N ALA C 39 -17.15 -18.79 0.01
CA ALA C 39 -17.89 -18.06 1.07
C ALA C 39 -18.77 -17.06 0.37
N THR C 40 -19.89 -16.75 1.02
CA THR C 40 -20.79 -15.68 0.57
C THR C 40 -21.26 -14.91 1.78
N PHE C 41 -21.12 -13.61 1.74
CA PHE C 41 -21.60 -12.79 2.83
C PHE C 41 -22.63 -11.77 2.28
N SER C 42 -23.56 -11.35 3.13
CA SER C 42 -24.51 -10.33 2.68
C SER C 42 -25.05 -9.56 3.85
N GLY C 43 -25.43 -8.32 3.61
CA GLY C 43 -26.08 -7.51 4.64
C GLY C 43 -26.31 -6.11 4.13
N GLN C 44 -26.85 -5.24 4.98
CA GLN C 44 -27.19 -3.89 4.58
C GLN C 44 -26.90 -2.96 5.75
N SER C 45 -25.93 -2.05 5.62
CA SER C 45 -25.58 -1.14 6.65
C SER C 45 -25.01 0.11 6.02
N THR C 46 -25.24 1.26 6.64
CA THR C 46 -24.50 2.48 6.29
C THR C 46 -23.56 2.87 7.46
N ASN C 47 -23.16 1.87 8.26
CA ASN C 47 -22.29 2.16 9.40
C ASN C 47 -21.27 1.02 9.58
N ASN C 48 -20.80 0.48 8.46
CA ASN C 48 -19.62 -0.41 8.48
C ASN C 48 -19.86 -1.74 9.15
N ALA C 49 -21.09 -2.24 9.14
CA ALA C 49 -21.34 -3.55 9.77
C ALA C 49 -20.43 -4.62 9.14
N VAL C 50 -19.96 -5.53 9.98
CA VAL C 50 -19.13 -6.66 9.56
C VAL C 50 -20.07 -7.75 9.18
N ILE C 51 -20.51 -7.70 7.90
CA ILE C 51 -21.57 -8.61 7.41
C ILE C 51 -21.09 -10.02 7.29
N GLY C 52 -19.78 -10.28 7.30
CA GLY C 52 -19.27 -11.63 7.35
C GLY C 52 -17.80 -11.63 7.63
N THR C 53 -17.34 -12.72 8.24
CA THR C 53 -15.93 -12.97 8.41
C THR C 53 -15.73 -14.47 8.47
N GLN C 54 -14.66 -14.98 7.83
CA GLN C 54 -14.49 -16.43 7.75
C GLN C 54 -13.04 -16.73 7.53
N VAL C 55 -12.63 -17.93 7.95
CA VAL C 55 -11.29 -18.44 7.64
C VAL C 55 -11.42 -19.47 6.54
N LEU C 56 -10.63 -19.30 5.49
CA LEU C 56 -10.64 -20.22 4.35
C LEU C 56 -9.23 -20.68 4.07
N ASN C 57 -9.10 -21.75 3.31
CA ASN C 57 -7.77 -22.18 2.84
C ASN C 57 -7.62 -21.82 1.38
N SER C 58 -6.49 -21.26 1.01
CA SER C 58 -6.25 -20.82 -0.37
C SER C 58 -6.08 -21.97 -1.39
N GLY C 59 -5.94 -23.19 -0.88
CA GLY C 59 -5.90 -24.37 -1.74
C GLY C 59 -4.64 -24.47 -2.56
N SER C 60 -4.61 -25.53 -3.39
N SER C 60 -4.71 -25.39 -3.54
CA SER C 60 -3.38 -25.82 -4.12
CA SER C 60 -3.47 -25.78 -4.19
C SER C 60 -2.84 -24.75 -5.06
C SER C 60 -2.85 -24.72 -5.02
N SER C 61 -3.73 -23.92 -5.63
CA SER C 61 -3.26 -22.88 -6.55
C SER C 61 -3.06 -21.52 -5.88
N GLY C 62 -3.65 -21.33 -4.69
CA GLY C 62 -3.58 -20.04 -4.05
C GLY C 62 -4.45 -18.95 -4.65
N LYS C 63 -5.24 -19.23 -5.67
CA LYS C 63 -5.98 -18.14 -6.33
C LYS C 63 -7.27 -17.81 -5.52
N VAL C 64 -7.39 -16.52 -5.18
CA VAL C 64 -8.56 -16.06 -4.48
C VAL C 64 -9.16 -14.87 -5.24
N GLN C 65 -10.46 -14.89 -5.45
CA GLN C 65 -11.12 -13.78 -6.16
C GLN C 65 -12.33 -13.33 -5.35
N VAL C 66 -12.48 -12.01 -5.28
CA VAL C 66 -13.64 -11.41 -4.60
C VAL C 66 -14.52 -10.77 -5.65
N GLN C 67 -15.84 -10.98 -5.60
N GLN C 67 -15.83 -11.07 -5.53
CA GLN C 67 -16.79 -10.24 -6.50
CA GLN C 67 -16.90 -10.50 -6.37
C GLN C 67 -17.94 -9.81 -5.61
C GLN C 67 -17.88 -9.75 -5.46
N VAL C 68 -18.46 -8.64 -5.94
CA VAL C 68 -19.50 -7.98 -5.15
C VAL C 68 -20.67 -7.64 -6.07
N SER C 69 -21.89 -7.87 -5.61
CA SER C 69 -23.06 -7.45 -6.38
C SER C 69 -24.12 -6.90 -5.47
N VAL C 70 -24.98 -6.10 -6.07
CA VAL C 70 -26.12 -5.49 -5.36
C VAL C 70 -27.32 -5.67 -6.29
N ASN C 71 -28.43 -6.12 -5.79
CA ASN C 71 -29.55 -6.33 -6.73
C ASN C 71 -29.14 -7.20 -7.97
N GLY C 72 -28.20 -8.19 -7.85
CA GLY C 72 -27.78 -9.00 -9.04
C GLY C 72 -26.88 -8.22 -9.99
N ARG C 73 -26.58 -6.96 -9.69
CA ARG C 73 -25.73 -6.17 -10.57
C ARG C 73 -24.31 -6.13 -10.01
N PRO C 74 -23.31 -6.51 -10.81
CA PRO C 74 -21.91 -6.47 -10.30
C PRO C 74 -21.48 -5.06 -9.97
N SER C 75 -20.85 -4.87 -8.79
CA SER C 75 -20.26 -3.59 -8.46
C SER C 75 -18.89 -3.45 -9.11
N ASP C 76 -18.49 -2.21 -9.32
CA ASP C 76 -17.12 -1.93 -9.84
C ASP C 76 -16.12 -2.12 -8.71
N LEU C 77 -15.02 -2.82 -8.96
CA LEU C 77 -14.03 -3.09 -7.90
C LEU C 77 -12.75 -2.32 -8.03
N VAL C 78 -12.19 -2.03 -6.87
N VAL C 78 -12.12 -2.13 -6.90
CA VAL C 78 -10.79 -1.57 -6.76
CA VAL C 78 -10.74 -1.60 -6.87
C VAL C 78 -10.04 -2.50 -5.79
C VAL C 78 -10.02 -2.39 -5.77
N SER C 79 -8.72 -2.69 -6.01
CA SER C 79 -8.02 -3.57 -5.08
C SER C 79 -6.54 -3.32 -5.12
N ALA C 80 -5.87 -3.83 -4.09
CA ALA C 80 -4.38 -3.85 -4.05
C ALA C 80 -3.97 -4.81 -2.94
N GLN C 81 -2.71 -5.21 -2.95
CA GLN C 81 -2.16 -6.02 -1.83
C GLN C 81 -1.00 -5.21 -1.22
N VAL C 82 -0.93 -5.17 0.11
N VAL C 82 -0.88 -5.25 0.10
N VAL C 82 -0.94 -5.22 0.11
CA VAL C 82 0.20 -4.54 0.78
CA VAL C 82 0.21 -4.57 0.78
CA VAL C 82 0.13 -4.57 0.86
C VAL C 82 0.81 -5.53 1.76
C VAL C 82 0.82 -5.50 1.80
C VAL C 82 0.82 -5.62 1.72
N ILE C 83 2.16 -5.48 1.85
CA ILE C 83 2.93 -6.40 2.70
C ILE C 83 3.79 -5.54 3.63
N LEU C 84 3.64 -5.82 4.91
CA LEU C 84 4.38 -5.13 5.97
C LEU C 84 5.45 -6.05 6.55
N THR C 85 6.63 -5.46 6.82
CA THR C 85 7.84 -6.14 7.32
C THR C 85 8.09 -7.46 6.59
N ASN C 86 7.82 -7.45 5.28
CA ASN C 86 8.16 -8.58 4.41
C ASN C 86 7.43 -9.86 4.83
N GLU C 87 6.25 -9.80 5.44
N GLU C 87 6.35 -9.73 5.65
CA GLU C 87 5.64 -11.03 5.91
CA GLU C 87 5.70 -10.90 6.27
C GLU C 87 4.13 -10.87 6.13
C GLU C 87 4.18 -10.88 6.35
N LEU C 88 3.65 -9.71 6.64
CA LEU C 88 2.23 -9.59 7.01
C LEU C 88 1.47 -9.03 5.82
N ASN C 89 0.48 -9.78 5.34
CA ASN C 89 -0.17 -9.41 4.09
C ASN C 89 -1.63 -9.02 4.24
N PHE C 90 -2.00 -8.01 3.46
CA PHE C 90 -3.43 -7.61 3.34
C PHE C 90 -3.75 -7.50 1.89
N ALA C 91 -4.85 -8.14 1.51
CA ALA C 91 -5.42 -7.96 0.16
C ALA C 91 -6.73 -7.21 0.36
N LEU C 92 -6.83 -6.06 -0.32
CA LEU C 92 -7.86 -5.06 -0.02
C LEU C 92 -8.74 -4.88 -1.23
N VAL C 93 -10.06 -4.81 -0.99
CA VAL C 93 -11.03 -4.56 -2.06
C VAL C 93 -12.02 -3.50 -1.62
N GLY C 94 -12.27 -2.56 -2.51
CA GLY C 94 -13.40 -1.66 -2.39
C GLY C 94 -14.34 -1.90 -3.57
N SER C 95 -15.56 -1.40 -3.43
CA SER C 95 -16.56 -1.59 -4.48
C SER C 95 -17.55 -0.47 -4.49
N GLU C 96 -18.08 -0.20 -5.70
CA GLU C 96 -19.04 0.90 -5.89
C GLU C 96 -20.28 0.36 -6.59
N ASP C 97 -21.42 0.60 -5.94
CA ASP C 97 -22.71 0.13 -6.43
C ASP C 97 -23.55 1.25 -7.07
N GLY C 98 -23.02 2.46 -7.13
CA GLY C 98 -23.81 3.62 -7.58
C GLY C 98 -22.93 4.63 -8.29
N THR C 99 -23.21 5.89 -7.93
CA THR C 99 -22.65 6.99 -8.69
C THR C 99 -21.76 7.91 -7.83
N ASP C 100 -21.73 7.80 -6.47
CA ASP C 100 -20.96 8.72 -5.69
C ASP C 100 -19.48 8.42 -5.63
N ASN C 101 -19.09 7.23 -6.06
CA ASN C 101 -17.68 6.85 -6.12
C ASN C 101 -16.97 6.95 -4.76
N ASP C 102 -17.69 6.58 -3.67
CA ASP C 102 -16.97 6.45 -2.39
C ASP C 102 -16.27 5.04 -2.31
N TYR C 103 -16.67 4.06 -3.15
CA TYR C 103 -15.99 2.76 -3.20
C TYR C 103 -15.94 2.04 -1.86
N ASN C 104 -16.89 2.34 -0.99
CA ASN C 104 -16.90 1.67 0.32
C ASN C 104 -18.16 0.83 0.50
N ASP C 105 -18.90 0.59 -0.60
CA ASP C 105 -20.25 0.08 -0.43
C ASP C 105 -20.22 -1.35 0.10
N ALA C 106 -19.29 -2.14 -0.40
CA ALA C 106 -18.77 -3.30 0.33
C ALA C 106 -17.24 -3.17 0.29
N VAL C 107 -16.63 -3.30 1.47
CA VAL C 107 -15.20 -3.27 1.64
C VAL C 107 -14.79 -4.66 2.08
N VAL C 108 -13.76 -5.26 1.45
CA VAL C 108 -13.36 -6.61 1.82
C VAL C 108 -11.87 -6.60 2.14
N VAL C 109 -11.55 -7.20 3.29
CA VAL C 109 -10.14 -7.31 3.71
C VAL C 109 -9.81 -8.78 3.84
N ILE C 110 -8.73 -9.20 3.16
CA ILE C 110 -8.19 -10.56 3.27
C ILE C 110 -6.85 -10.43 3.98
N ASN C 111 -6.61 -11.24 5.02
CA ASN C 111 -5.35 -11.12 5.74
C ASN C 111 -4.75 -12.49 5.95
N TRP C 112 -3.41 -12.52 5.89
CA TRP C 112 -2.64 -13.72 6.19
C TRP C 112 -1.21 -13.31 6.54
N PRO C 113 -0.42 -14.20 7.16
CA PRO C 113 -0.81 -15.52 7.72
C PRO C 113 -1.66 -15.34 8.96
N LEU C 114 -2.28 -16.44 9.34
CA LEU C 114 -3.09 -16.55 10.56
C LEU C 114 -2.33 -17.38 11.59
N GLY C 115 -2.90 -17.46 12.79
CA GLY C 115 -2.37 -18.36 13.83
C GLY C 115 -1.33 -17.73 14.73
N ALA D 2 11.07 3.80 13.53
CA ALA D 2 10.03 4.77 13.10
C ALA D 2 8.75 4.49 13.88
N THR D 3 8.05 5.54 14.26
CA THR D 3 6.74 5.38 14.92
C THR D 3 5.79 4.64 14.01
N GLN D 4 4.97 3.79 14.63
CA GLN D 4 3.97 3.01 13.88
C GLN D 4 2.63 3.08 14.64
N GLY D 5 1.56 2.84 13.89
CA GLY D 5 0.22 2.81 14.49
C GLY D 5 -0.40 4.18 14.70
N VAL D 6 0.18 5.24 14.14
CA VAL D 6 -0.35 6.61 14.25
C VAL D 6 -0.78 7.08 12.88
N PHE D 7 -1.99 7.59 12.76
CA PHE D 7 -2.53 7.99 11.47
C PHE D 7 -3.22 9.38 11.60
N THR D 8 -3.08 10.20 10.57
CA THR D 8 -3.85 11.45 10.52
C THR D 8 -5.01 11.24 9.56
N LEU D 9 -6.22 11.24 10.12
CA LEU D 9 -7.43 11.14 9.30
C LEU D 9 -7.94 12.57 8.99
N PRO D 10 -8.81 12.74 8.00
CA PRO D 10 -9.50 14.02 7.83
C PRO D 10 -10.26 14.30 9.13
N ALA D 11 -10.36 15.59 9.49
CA ALA D 11 -11.05 15.95 10.71
C ALA D 11 -12.52 15.62 10.66
N ASN D 12 -13.00 15.33 11.87
CA ASN D 12 -14.47 15.19 12.08
C ASN D 12 -15.10 14.16 11.16
N THR D 13 -14.40 13.02 11.02
CA THR D 13 -14.84 11.99 10.07
C THR D 13 -14.98 10.63 10.81
N ARG D 14 -16.13 10.04 10.53
CA ARG D 14 -16.38 8.66 11.08
C ARG D 14 -15.49 7.65 10.42
N PHE D 15 -14.98 6.73 11.22
CA PHE D 15 -14.15 5.67 10.69
C PHE D 15 -14.45 4.36 11.44
N GLY D 16 -14.22 3.24 10.76
CA GLY D 16 -14.36 1.94 11.42
C GLY D 16 -13.03 1.49 11.95
N VAL D 17 -13.06 0.79 13.07
CA VAL D 17 -11.86 0.11 13.59
C VAL D 17 -12.25 -1.29 14.01
N THR D 18 -11.50 -2.29 13.54
CA THR D 18 -11.82 -3.71 13.73
C THR D 18 -10.53 -4.44 14.04
N ALA D 19 -10.58 -5.31 15.05
CA ALA D 19 -9.35 -6.03 15.43
C ALA D 19 -9.61 -7.54 15.38
N PHE D 20 -8.54 -8.25 14.99
CA PHE D 20 -8.54 -9.73 14.89
C PHE D 20 -7.37 -10.23 15.74
N ALA D 21 -7.53 -11.46 16.27
CA ALA D 21 -6.44 -12.01 17.09
C ALA D 21 -5.90 -13.32 16.52
N ASN D 22 -4.57 -13.49 16.63
CA ASN D 22 -3.88 -14.70 16.15
C ASN D 22 -2.69 -14.99 17.08
N SER D 23 -3.01 -15.45 18.29
CA SER D 23 -1.92 -15.65 19.30
C SER D 23 -2.49 -16.46 20.45
N SER D 24 -1.61 -17.16 21.18
CA SER D 24 -2.09 -17.77 22.40
C SER D 24 -2.30 -16.73 23.49
N GLY D 25 -1.73 -15.55 23.36
CA GLY D 25 -1.88 -14.49 24.37
C GLY D 25 -3.13 -13.65 24.16
N THR D 26 -3.79 -13.23 25.24
CA THR D 26 -4.93 -12.32 25.12
C THR D 26 -4.45 -10.97 24.68
N GLN D 27 -5.06 -10.45 23.60
CA GLN D 27 -4.68 -9.15 23.04
C GLN D 27 -5.56 -8.05 23.62
N THR D 28 -4.93 -6.94 23.93
CA THR D 28 -5.67 -5.73 24.29
C THR D 28 -5.31 -4.60 23.32
N VAL D 29 -6.32 -4.16 22.58
CA VAL D 29 -6.14 -3.12 21.57
C VAL D 29 -6.77 -1.86 22.09
N ASN D 30 -5.97 -0.79 22.16
N ASN D 30 -5.93 -0.77 22.16
CA ASN D 30 -6.48 0.51 22.56
CA ASN D 30 -6.40 0.54 22.58
C ASN D 30 -6.42 1.45 21.40
C ASN D 30 -6.36 1.49 21.40
N VAL D 31 -7.50 2.19 21.20
CA VAL D 31 -7.61 3.14 20.07
C VAL D 31 -7.77 4.53 20.70
N LEU D 32 -6.83 5.43 20.38
CA LEU D 32 -6.84 6.81 20.91
C LEU D 32 -7.22 7.75 19.82
N VAL D 33 -8.07 8.73 20.15
CA VAL D 33 -8.41 9.80 19.21
C VAL D 33 -7.96 11.11 19.87
N ASN D 34 -7.15 11.93 19.20
CA ASN D 34 -6.62 13.16 19.84
C ASN D 34 -5.99 12.83 21.19
N ASN D 35 -5.26 11.73 21.23
CA ASN D 35 -4.49 11.33 22.40
C ASN D 35 -5.34 10.88 23.58
N GLU D 36 -6.61 10.63 23.39
CA GLU D 36 -7.47 10.15 24.44
C GLU D 36 -8.11 8.83 24.04
N THR D 37 -8.20 7.89 24.99
CA THR D 37 -8.75 6.59 24.68
C THR D 37 -10.19 6.70 24.24
N ALA D 38 -10.51 6.06 23.11
CA ALA D 38 -11.84 6.12 22.52
C ALA D 38 -12.47 4.73 22.40
N ALA D 39 -11.68 3.65 22.30
CA ALA D 39 -12.22 2.30 22.22
C ALA D 39 -11.16 1.38 22.77
N THR D 40 -11.60 0.26 23.36
CA THR D 40 -10.67 -0.78 23.84
C THR D 40 -11.31 -2.12 23.54
N PHE D 41 -10.54 -2.99 22.88
CA PHE D 41 -10.98 -4.35 22.61
C PHE D 41 -10.05 -5.33 23.28
N SER D 42 -10.55 -6.46 23.75
N SER D 42 -10.60 -6.47 23.68
CA SER D 42 -9.65 -7.49 24.26
CA SER D 42 -9.80 -7.54 24.24
C SER D 42 -10.24 -8.86 23.95
C SER D 42 -10.33 -8.88 23.76
N GLY D 43 -9.41 -9.81 23.58
CA GLY D 43 -9.84 -11.15 23.31
C GLY D 43 -8.68 -12.07 22.95
N GLN D 44 -8.95 -13.34 22.80
CA GLN D 44 -7.92 -14.31 22.48
C GLN D 44 -8.43 -15.24 21.40
N SER D 45 -7.62 -15.45 20.38
CA SER D 45 -7.92 -16.41 19.33
C SER D 45 -6.64 -16.77 18.62
N THR D 46 -6.54 -18.01 18.13
CA THR D 46 -5.47 -18.37 17.16
C THR D 46 -6.08 -18.62 15.77
N ASN D 47 -7.32 -18.14 15.58
CA ASN D 47 -8.05 -18.35 14.32
C ASN D 47 -8.65 -17.09 13.77
N ASN D 48 -7.96 -15.95 14.02
CA ASN D 48 -8.36 -14.67 13.38
C ASN D 48 -9.73 -14.21 13.82
N ALA D 49 -10.19 -14.58 15.03
CA ALA D 49 -11.49 -14.06 15.44
C ALA D 49 -11.48 -12.57 15.56
N VAL D 50 -12.65 -11.99 15.25
CA VAL D 50 -12.87 -10.53 15.48
C VAL D 50 -13.00 -10.38 17.00
N ILE D 51 -12.10 -9.61 17.60
CA ILE D 51 -12.17 -9.32 19.04
C ILE D 51 -12.82 -7.97 19.31
N GLY D 52 -13.11 -7.19 18.29
CA GLY D 52 -13.90 -5.97 18.48
C GLY D 52 -14.08 -5.26 17.16
N THR D 53 -15.16 -4.50 17.08
CA THR D 53 -15.37 -3.58 15.92
C THR D 53 -16.21 -2.43 16.45
N GLN D 54 -15.96 -1.24 15.94
CA GLN D 54 -16.63 -0.04 16.42
C GLN D 54 -16.52 1.05 15.39
N VAL D 55 -17.37 2.04 15.50
CA VAL D 55 -17.26 3.25 14.68
C VAL D 55 -16.97 4.42 15.58
N LEU D 56 -15.94 5.19 15.20
CA LEU D 56 -15.48 6.33 15.99
C LEU D 56 -15.44 7.57 15.10
N ASN D 57 -15.28 8.74 15.71
CA ASN D 57 -15.15 9.99 14.96
C ASN D 57 -13.75 10.51 15.22
N SER D 58 -13.06 10.91 14.16
CA SER D 58 -11.70 11.37 14.24
C SER D 58 -11.53 12.77 14.91
N GLY D 59 -12.65 13.49 15.11
CA GLY D 59 -12.60 14.75 15.91
C GLY D 59 -11.79 15.81 15.22
N SER D 60 -11.57 16.91 15.97
CA SER D 60 -11.00 18.10 15.32
C SER D 60 -9.56 17.92 14.85
N SER D 61 -8.81 17.05 15.51
CA SER D 61 -7.39 16.90 15.16
C SER D 61 -7.17 15.84 14.06
N GLY D 62 -8.11 14.91 13.93
CA GLY D 62 -7.89 13.77 13.02
C GLY D 62 -6.87 12.76 13.53
N LYS D 63 -6.25 12.91 14.68
CA LYS D 63 -5.14 12.03 15.08
C LYS D 63 -5.70 10.76 15.69
N VAL D 64 -5.37 9.59 15.10
CA VAL D 64 -5.80 8.30 15.60
C VAL D 64 -4.56 7.45 15.87
N GLN D 65 -4.51 6.81 17.01
CA GLN D 65 -3.38 5.93 17.34
C GLN D 65 -3.90 4.61 17.84
N VAL D 66 -3.28 3.53 17.38
CA VAL D 66 -3.57 2.18 17.84
C VAL D 66 -2.41 1.69 18.67
N GLN D 67 -2.70 1.13 19.83
CA GLN D 67 -1.68 0.50 20.66
C GLN D 67 -2.13 -0.88 21.11
N VAL D 68 -1.21 -1.84 21.08
CA VAL D 68 -1.55 -3.23 21.40
C VAL D 68 -0.65 -3.71 22.52
N SER D 69 -1.20 -4.41 23.50
N SER D 69 -1.25 -4.40 23.48
CA SER D 69 -0.36 -4.99 24.55
CA SER D 69 -0.50 -5.04 24.58
C SER D 69 -0.98 -6.33 24.91
C SER D 69 -1.01 -6.45 24.86
N VAL D 70 -0.14 -7.22 25.50
CA VAL D 70 -0.49 -8.56 25.90
C VAL D 70 -0.03 -8.69 27.35
N ASN D 71 -1.00 -8.81 28.27
CA ASN D 71 -0.68 -8.80 29.71
C ASN D 71 0.17 -7.57 30.06
N GLY D 72 -0.20 -6.40 29.57
CA GLY D 72 0.46 -5.10 29.83
C GLY D 72 1.78 -4.86 29.10
N ARG D 73 2.28 -5.91 28.44
N ARG D 73 2.29 -5.88 28.42
CA ARG D 73 3.55 -5.87 27.74
CA ARG D 73 3.49 -5.66 27.69
C ARG D 73 3.29 -5.23 26.33
C ARG D 73 3.17 -5.08 26.35
N PRO D 74 3.79 -3.99 26.00
CA PRO D 74 3.47 -3.39 24.69
C PRO D 74 3.99 -4.25 23.54
N SER D 75 3.14 -4.53 22.54
CA SER D 75 3.59 -5.23 21.35
C SER D 75 4.27 -4.27 20.40
N ASP D 76 5.23 -4.82 19.65
CA ASP D 76 5.84 -4.04 18.57
C ASP D 76 4.87 -3.95 17.41
N LEU D 77 4.76 -2.78 16.79
CA LEU D 77 3.77 -2.59 15.75
C LEU D 77 4.40 -2.41 14.37
N VAL D 78 3.67 -2.82 13.33
N VAL D 78 3.61 -2.67 13.34
CA VAL D 78 3.91 -2.37 11.95
CA VAL D 78 3.99 -2.32 11.98
C VAL D 78 2.64 -1.75 11.41
C VAL D 78 2.70 -1.83 11.35
N SER D 79 2.80 -0.78 10.49
CA SER D 79 1.57 -0.15 9.99
C SER D 79 1.83 0.55 8.68
N ALA D 80 0.76 0.85 7.97
CA ALA D 80 0.81 1.71 6.76
C ALA D 80 -0.59 2.13 6.45
N GLN D 81 -0.73 3.18 5.62
CA GLN D 81 -2.02 3.58 5.09
C GLN D 81 -2.00 3.41 3.58
N VAL D 82 -3.10 2.93 3.01
N VAL D 82 -3.14 2.97 3.03
N VAL D 82 -3.08 2.85 3.03
CA VAL D 82 -3.21 2.75 1.57
CA VAL D 82 -3.33 2.69 1.61
CA VAL D 82 -3.26 2.76 1.59
C VAL D 82 -4.54 3.30 1.10
C VAL D 82 -4.59 3.37 1.14
C VAL D 82 -4.54 3.47 1.19
N ILE D 83 -4.50 4.08 0.00
CA ILE D 83 -5.70 4.74 -0.53
C ILE D 83 -5.92 4.21 -1.95
N LEU D 84 -7.13 3.71 -2.17
CA LEU D 84 -7.54 3.18 -3.50
C LEU D 84 -8.47 4.18 -4.16
N THR D 85 -8.28 4.32 -5.48
CA THR D 85 -9.01 5.23 -6.35
C THR D 85 -9.21 6.61 -5.74
N ASN D 86 -8.18 7.05 -4.99
CA ASN D 86 -8.15 8.38 -4.41
C ASN D 86 -9.32 8.65 -3.46
N GLU D 87 -9.99 7.57 -3.02
N GLU D 87 -9.89 7.64 -2.85
CA GLU D 87 -11.29 7.65 -2.27
CA GLU D 87 -11.06 7.88 -2.02
C GLU D 87 -11.34 6.82 -1.01
C GLU D 87 -11.10 6.90 -0.86
N LEU D 88 -10.81 5.61 -1.10
CA LEU D 88 -11.08 4.58 -0.06
C LEU D 88 -9.79 4.38 0.73
N ASN D 89 -9.85 4.60 2.04
CA ASN D 89 -8.69 4.59 2.89
C ASN D 89 -8.65 3.39 3.85
N PHE D 90 -7.48 2.79 3.95
CA PHE D 90 -7.22 1.77 4.93
C PHE D 90 -6.01 2.17 5.75
N ALA D 91 -6.12 2.11 7.07
CA ALA D 91 -4.97 2.27 7.96
C ALA D 91 -4.82 0.91 8.64
N LEU D 92 -3.67 0.28 8.43
CA LEU D 92 -3.50 -1.11 8.76
C LEU D 92 -2.43 -1.27 9.82
N VAL D 93 -2.66 -2.15 10.80
CA VAL D 93 -1.68 -2.38 11.86
C VAL D 93 -1.51 -3.87 12.08
N GLY D 94 -0.26 -4.31 12.19
CA GLY D 94 0.03 -5.67 12.75
C GLY D 94 0.85 -5.48 14.01
N SER D 95 0.92 -6.53 14.79
CA SER D 95 1.65 -6.43 16.07
C SER D 95 2.22 -7.78 16.41
N GLU D 96 3.35 -7.71 17.16
CA GLU D 96 4.09 -8.93 17.56
C GLU D 96 4.26 -8.95 19.07
N ASP D 97 3.80 -10.04 19.67
CA ASP D 97 3.83 -10.22 21.12
C ASP D 97 4.91 -11.23 21.56
N GLY D 98 5.69 -11.76 20.65
CA GLY D 98 6.62 -12.85 20.96
C GLY D 98 7.86 -12.74 20.13
N THR D 99 8.32 -13.90 19.61
CA THR D 99 9.57 -14.03 18.95
C THR D 99 9.47 -14.48 17.51
N ASP D 100 8.31 -15.01 17.03
CA ASP D 100 8.24 -15.53 15.73
C ASP D 100 8.15 -14.52 14.61
N ASN D 101 7.82 -13.27 14.99
CA ASN D 101 7.71 -12.16 14.02
C ASN D 101 6.74 -12.43 12.89
N ASP D 102 5.61 -13.09 13.23
CA ASP D 102 4.50 -13.17 12.25
C ASP D 102 3.71 -11.85 12.20
N TYR D 103 3.83 -11.03 13.26
CA TYR D 103 3.20 -9.70 13.29
C TYR D 103 1.65 -9.73 13.05
N ASN D 104 1.05 -10.86 13.41
CA ASN D 104 -0.38 -10.99 13.21
C ASN D 104 -1.13 -11.18 14.55
N ASP D 105 -0.40 -10.94 15.66
CA ASP D 105 -0.95 -11.40 16.94
C ASP D 105 -2.20 -10.65 17.32
N ALA D 106 -2.18 -9.35 17.06
CA ALA D 106 -3.44 -8.57 16.85
C ALA D 106 -3.25 -7.84 15.51
N VAL D 107 -4.27 -7.93 14.69
CA VAL D 107 -4.30 -7.18 13.43
C VAL D 107 -5.42 -6.21 13.52
N VAL D 108 -5.18 -4.94 13.18
CA VAL D 108 -6.21 -3.91 13.30
C VAL D 108 -6.40 -3.23 11.95
N VAL D 109 -7.65 -3.13 11.52
CA VAL D 109 -7.99 -2.48 10.29
C VAL D 109 -8.84 -1.27 10.59
N ILE D 110 -8.41 -0.11 10.15
CA ILE D 110 -9.19 1.14 10.21
C ILE D 110 -9.59 1.48 8.78
N ASN D 111 -10.85 1.85 8.59
CA ASN D 111 -11.27 2.18 7.22
C ASN D 111 -12.17 3.40 7.24
N TRP D 112 -12.06 4.23 6.20
CA TRP D 112 -12.95 5.37 6.01
C TRP D 112 -12.90 5.74 4.53
N PRO D 113 -13.84 6.55 4.07
CA PRO D 113 -15.06 7.02 4.75
C PRO D 113 -16.04 5.86 4.93
N LEU D 114 -17.02 6.12 5.79
CA LEU D 114 -18.15 5.20 6.00
C LEU D 114 -19.40 5.77 5.35
N GLY D 115 -20.47 4.98 5.38
CA GLY D 115 -21.75 5.49 4.95
C GLY D 115 -22.05 5.28 3.49
#